data_8V44
#
_entry.id   8V44
#
_cell.length_a   67.040
_cell.length_b   84.010
_cell.length_c   97.619
_cell.angle_alpha   90.000
_cell.angle_beta   90.000
_cell.angle_gamma   90.000
#
_symmetry.space_group_name_H-M   'P 21 21 21'
#
_entity_poly.entity_id   1
_entity_poly.type   'polypeptide(L)'
_entity_poly.pdbx_seq_one_letter_code
;MKLAQGAFVDVIRIGALSPPTDQRSLWARTLLSEAVDQGLDSLPVPLQDVSTFTVTLQPALAVRLKALADQHNTPVSVYA
AGLIEAMRRRSESGSVAEAPMELPADALPGEGAVREVLRPLLKQAAEKTAAGKIVFAEAATGTGKGRMIASLAAAAAIKG
DTVVVSAPLAVTWQLVNDMKDIPEVRRVGLTLSLGRPNFISPQRTLEWAIDNERADLAAWIEGGGKPLSLRSMETSKVIS
HELCWLLEDALLLAEDLPADSLLLTSEDPADCPAQQLYVAMRSNYTEAGIILCSHFMLAAHTRMMQMRGLGNDEELDDEA
PTGLSLPHFIDTLIVDEAHLLEQAFASVYTHTLRLRPLMRTIEGLGSRGRKPALDALKELFTQMQVASARSTNTSLNVPL
SDVPELIPALKDTVKTLGALPTKGMSRDARSVIRIATRAANDALSGHSRLRIEVTPVHSYPMLLSGRSNLQRALLGLWNA
TGGATLVSATLFTTGDNGSLTRWKLEVPTERAAFLPPVHPAWTTAPVLLHKEFCAHEPDDSPEWATECAQTIQGVASTAQ
GGTLVLCTSYQNTELLAGRLGAALGDRLIVQSKTSSAATCLAQFKAKHKAGIRPVWLGLGAAWTGIDLSDHSLPDNPELD
RLLSDLVITRIPVGQNRSLTHERRTAIGGFRIISQEAAWHFRQGLGRLVRRPGVTHKNLWVLDARIYGGAAWVAPFRQIL
DRYKKA
;
_entity_poly.pdbx_strand_id   A
#
# COMPACT_ATOMS: atom_id res chain seq x y z
N ALA A 107 36.26 1.72 0.10
CA ALA A 107 35.04 2.34 -0.42
C ALA A 107 34.21 1.32 -1.19
N LEU A 108 32.95 1.65 -1.42
CA LEU A 108 31.97 0.81 -2.08
C LEU A 108 31.75 1.27 -3.52
N PRO A 109 31.37 0.36 -4.41
CA PRO A 109 31.07 0.77 -5.80
C PRO A 109 29.91 1.75 -5.82
N GLY A 110 30.16 2.93 -6.39
CA GLY A 110 29.17 3.98 -6.41
C GLY A 110 29.06 4.78 -5.14
N GLU A 111 30.00 4.63 -4.20
CA GLU A 111 29.99 5.43 -2.99
C GLU A 111 30.23 6.90 -3.30
N GLY A 112 30.93 7.19 -4.40
CA GLY A 112 31.10 8.57 -4.81
C GLY A 112 29.82 9.20 -5.34
N ALA A 113 28.86 8.39 -5.77
CA ALA A 113 27.59 8.95 -6.21
C ALA A 113 26.68 9.30 -5.03
N VAL A 114 26.88 8.65 -3.89
CA VAL A 114 26.00 8.82 -2.75
C VAL A 114 26.21 10.20 -2.13
N ARG A 115 25.12 10.82 -1.69
CA ARG A 115 25.21 12.06 -0.92
C ARG A 115 25.96 11.81 0.39
N GLU A 116 26.69 12.83 0.83
CA GLU A 116 27.56 12.66 2.00
C GLU A 116 26.76 12.38 3.27
N VAL A 117 25.53 12.89 3.36
CA VAL A 117 24.74 12.71 4.57
C VAL A 117 24.34 11.26 4.80
N LEU A 118 24.35 10.44 3.75
CA LEU A 118 23.97 9.03 3.86
C LEU A 118 25.16 8.09 4.00
N ARG A 119 26.39 8.59 3.89
CA ARG A 119 27.54 7.71 3.92
C ARG A 119 27.71 6.96 5.24
N PRO A 120 27.48 7.54 6.42
CA PRO A 120 27.51 6.70 7.63
C PRO A 120 26.42 5.64 7.65
N LEU A 121 25.19 6.01 7.29
CA LEU A 121 24.12 5.04 7.17
C LEU A 121 24.49 3.93 6.20
N LEU A 122 25.01 4.28 5.03
CA LEU A 122 25.42 3.29 4.03
C LEU A 122 26.52 2.37 4.57
N LYS A 123 27.53 2.96 5.23
CA LYS A 123 28.65 2.16 5.71
C LYS A 123 28.18 1.16 6.76
N GLN A 124 27.42 1.62 7.76
CA GLN A 124 26.90 0.69 8.75
C GLN A 124 25.98 -0.35 8.12
N ALA A 125 25.15 0.06 7.15
CA ALA A 125 24.23 -0.89 6.55
C ALA A 125 24.97 -1.99 5.81
N ALA A 126 25.96 -1.61 4.98
CA ALA A 126 26.75 -2.61 4.27
C ALA A 126 27.46 -3.53 5.25
N GLU A 127 28.10 -2.95 6.28
CA GLU A 127 28.81 -3.75 7.28
C GLU A 127 27.87 -4.78 7.91
N LYS A 128 26.79 -4.30 8.55
CA LYS A 128 25.92 -5.20 9.31
C LYS A 128 25.19 -6.17 8.41
N THR A 129 24.89 -5.79 7.16
CA THR A 129 24.26 -6.72 6.23
C THR A 129 25.22 -7.83 5.85
N ALA A 130 26.49 -7.50 5.60
CA ALA A 130 27.47 -8.55 5.36
C ALA A 130 27.63 -9.44 6.58
N ALA A 131 27.42 -8.89 7.78
CA ALA A 131 27.55 -9.66 9.02
C ALA A 131 26.33 -10.54 9.29
N GLY A 132 25.30 -10.48 8.47
CA GLY A 132 24.11 -11.29 8.64
C GLY A 132 22.98 -10.63 9.40
N LYS A 133 22.96 -9.31 9.53
CA LYS A 133 21.94 -8.61 10.28
C LYS A 133 20.87 -8.04 9.36
N ILE A 134 19.70 -7.81 9.94
CA ILE A 134 18.58 -7.19 9.23
C ILE A 134 18.62 -5.72 9.62
N VAL A 135 19.27 -4.91 8.78
CA VAL A 135 19.55 -3.52 9.12
C VAL A 135 18.30 -2.67 8.87
N PHE A 136 18.03 -1.77 9.82
CA PHE A 136 16.94 -0.80 9.69
C PHE A 136 17.56 0.57 9.37
N ALA A 137 17.34 1.05 8.16
CA ALA A 137 17.95 2.28 7.68
C ALA A 137 16.84 3.24 7.25
N GLU A 138 16.55 4.23 8.09
CA GLU A 138 15.52 5.23 7.82
C GLU A 138 16.19 6.54 7.44
N ALA A 139 15.90 7.02 6.23
CA ALA A 139 16.42 8.30 5.74
C ALA A 139 15.27 9.11 5.16
N ALA A 140 15.34 10.43 5.32
CA ALA A 140 14.26 11.29 4.84
C ALA A 140 14.17 11.26 3.32
N THR A 141 12.95 11.40 2.82
CA THR A 141 12.72 11.47 1.39
C THR A 141 13.43 12.70 0.81
N GLY A 142 14.15 12.51 -0.29
CA GLY A 142 14.91 13.57 -0.88
C GLY A 142 16.36 13.63 -0.46
N THR A 143 16.88 12.56 0.15
CA THR A 143 18.29 12.48 0.52
C THR A 143 19.13 11.69 -0.47
N GLY A 144 18.50 11.08 -1.48
CA GLY A 144 19.23 10.28 -2.45
C GLY A 144 19.38 8.83 -2.01
N LYS A 145 18.31 8.27 -1.46
CA LYS A 145 18.36 6.90 -0.96
C LYS A 145 18.59 5.89 -2.08
N GLY A 146 18.16 6.22 -3.29
CA GLY A 146 18.38 5.33 -4.42
C GLY A 146 19.86 5.07 -4.69
N ARG A 147 20.68 6.11 -4.59
CA ARG A 147 22.12 5.92 -4.78
C ARG A 147 22.71 5.05 -3.67
N MET A 148 22.24 5.24 -2.44
CA MET A 148 22.68 4.40 -1.32
C MET A 148 22.35 2.94 -1.58
N ILE A 149 21.13 2.67 -2.02
CA ILE A 149 20.72 1.29 -2.32
C ILE A 149 21.55 0.73 -3.47
N ALA A 150 21.81 1.55 -4.49
CA ALA A 150 22.63 1.13 -5.61
C ALA A 150 24.01 0.69 -5.13
N SER A 151 24.64 1.50 -4.27
CA SER A 151 25.96 1.16 -3.77
C SER A 151 25.93 -0.10 -2.90
N LEU A 152 24.89 -0.23 -2.06
CA LEU A 152 24.77 -1.43 -1.23
C LEU A 152 24.70 -2.68 -2.09
N ALA A 153 23.81 -2.67 -3.09
CA ALA A 153 23.65 -3.83 -3.98
C ALA A 153 24.91 -4.10 -4.78
N ALA A 154 25.59 -3.04 -5.24
CA ALA A 154 26.82 -3.22 -6.00
C ALA A 154 27.90 -3.87 -5.15
N ALA A 155 28.06 -3.41 -3.90
CA ALA A 155 29.05 -4.01 -3.02
C ALA A 155 28.72 -5.47 -2.74
N ALA A 156 27.44 -5.77 -2.50
CA ALA A 156 27.07 -7.15 -2.19
C ALA A 156 27.32 -8.06 -3.38
N ALA A 157 26.84 -7.67 -4.57
CA ALA A 157 27.03 -8.51 -5.75
C ALA A 157 28.49 -8.60 -6.16
N ILE A 158 29.29 -7.59 -5.83
CA ILE A 158 30.72 -7.64 -6.11
C ILE A 158 31.39 -8.72 -5.25
N LYS A 159 30.84 -8.99 -4.07
CA LYS A 159 31.34 -10.06 -3.20
C LYS A 159 30.95 -11.45 -3.68
N GLY A 160 30.20 -11.57 -4.79
CA GLY A 160 29.68 -12.84 -5.23
C GLY A 160 28.31 -13.19 -4.67
N ASP A 161 27.70 -12.29 -3.91
CA ASP A 161 26.40 -12.55 -3.31
C ASP A 161 25.28 -12.41 -4.33
N THR A 162 24.29 -13.29 -4.23
CA THR A 162 23.03 -13.07 -4.92
C THR A 162 22.29 -11.91 -4.26
N VAL A 163 21.99 -10.87 -5.03
CA VAL A 163 21.43 -9.64 -4.49
C VAL A 163 20.05 -9.43 -5.08
N VAL A 164 19.08 -9.13 -4.23
CA VAL A 164 17.74 -8.81 -4.68
C VAL A 164 17.24 -7.55 -4.02
N VAL A 165 16.79 -6.60 -4.84
CA VAL A 165 16.24 -5.33 -4.41
C VAL A 165 14.74 -5.41 -4.63
N SER A 166 14.00 -5.51 -3.52
CA SER A 166 12.55 -5.49 -3.56
C SER A 166 12.08 -4.05 -3.35
N ALA A 167 11.36 -3.52 -4.34
CA ALA A 167 10.93 -2.14 -4.30
C ALA A 167 9.73 -1.97 -5.21
N PRO A 168 8.79 -1.10 -4.87
CA PRO A 168 7.62 -0.90 -5.73
C PRO A 168 8.04 -0.37 -7.10
N LEU A 169 7.26 -0.76 -8.12
CA LEU A 169 7.59 -0.37 -9.48
C LEU A 169 7.52 1.14 -9.68
N ALA A 170 6.86 1.87 -8.78
CA ALA A 170 6.78 3.32 -8.90
C ALA A 170 8.16 3.95 -8.78
N VAL A 171 9.00 3.43 -7.89
CA VAL A 171 10.35 3.96 -7.66
C VAL A 171 11.41 3.10 -8.33
N THR A 172 11.02 2.17 -9.20
CA THR A 172 11.97 1.22 -9.77
C THR A 172 12.70 1.81 -10.98
N TRP A 173 12.03 2.67 -11.76
CA TRP A 173 12.71 3.31 -12.89
C TRP A 173 13.95 4.06 -12.45
N GLN A 174 13.80 4.94 -11.44
CA GLN A 174 14.95 5.67 -10.95
C GLN A 174 15.96 4.76 -10.27
N LEU A 175 15.52 3.66 -9.67
CA LEU A 175 16.47 2.72 -9.07
C LEU A 175 17.36 2.10 -10.12
N VAL A 176 16.76 1.63 -11.21
CA VAL A 176 17.55 1.08 -12.33
C VAL A 176 18.45 2.17 -12.91
N ASN A 177 17.94 3.41 -12.99
CA ASN A 177 18.77 4.51 -13.49
C ASN A 177 19.98 4.75 -12.58
N ASP A 178 19.78 4.65 -11.26
CA ASP A 178 20.87 4.86 -10.32
C ASP A 178 21.87 3.72 -10.34
N MET A 179 21.42 2.50 -10.64
CA MET A 179 22.33 1.36 -10.65
C MET A 179 23.06 1.20 -11.99
N LYS A 180 22.38 1.50 -13.11
CA LYS A 180 23.01 1.35 -14.41
C LYS A 180 24.18 2.30 -14.60
N ASP A 181 24.38 3.26 -13.70
CA ASP A 181 25.50 4.19 -13.78
C ASP A 181 26.75 3.68 -13.08
N ILE A 182 26.66 2.57 -12.34
CA ILE A 182 27.82 2.03 -11.62
C ILE A 182 28.54 1.05 -12.54
N PRO A 183 29.85 1.22 -12.77
CA PRO A 183 30.55 0.32 -13.71
C PRO A 183 30.59 -1.12 -13.26
N GLU A 184 30.61 -1.38 -11.95
CA GLU A 184 30.60 -2.75 -11.47
C GLU A 184 29.22 -3.38 -11.57
N VAL A 185 28.16 -2.57 -11.52
CA VAL A 185 26.82 -3.08 -11.73
C VAL A 185 26.64 -3.51 -13.19
N ARG A 186 27.21 -2.75 -14.12
CA ARG A 186 27.19 -3.15 -15.52
C ARG A 186 28.00 -4.41 -15.79
N ARG A 187 28.80 -4.86 -14.82
CA ARG A 187 29.62 -6.06 -14.99
C ARG A 187 28.90 -7.32 -14.53
N VAL A 188 28.28 -7.29 -13.35
CA VAL A 188 27.67 -8.48 -12.77
C VAL A 188 26.21 -8.68 -13.18
N GLY A 189 25.59 -7.68 -13.80
CA GLY A 189 24.27 -7.88 -14.36
C GLY A 189 23.11 -7.34 -13.53
N LEU A 190 22.16 -6.69 -14.20
CA LEU A 190 20.96 -6.17 -13.57
C LEU A 190 19.75 -6.66 -14.36
N THR A 191 18.77 -7.22 -13.67
CA THR A 191 17.55 -7.66 -14.34
C THR A 191 16.35 -7.38 -13.46
N LEU A 192 15.16 -7.47 -14.08
CA LEU A 192 13.89 -7.27 -13.39
C LEU A 192 13.06 -8.54 -13.52
N SER A 193 12.64 -9.09 -12.37
CA SER A 193 11.79 -10.28 -12.34
C SER A 193 10.34 -9.81 -12.24
N LEU A 194 9.81 -9.41 -13.39
CA LEU A 194 8.44 -8.88 -13.49
C LEU A 194 7.44 -10.04 -13.52
N GLY A 195 7.36 -10.73 -12.38
CA GLY A 195 6.47 -11.87 -12.28
C GLY A 195 5.01 -11.49 -12.35
N ARG A 196 4.17 -12.52 -12.49
CA ARG A 196 2.73 -12.29 -12.56
C ARG A 196 2.15 -11.58 -11.33
N PRO A 197 2.69 -11.73 -10.10
CA PRO A 197 2.14 -10.95 -8.97
C PRO A 197 2.21 -9.44 -9.14
N ASN A 198 2.75 -8.95 -10.26
CA ASN A 198 2.83 -7.52 -10.51
C ASN A 198 1.59 -6.96 -11.21
N PHE A 199 0.91 -7.77 -12.01
CA PHE A 199 -0.17 -7.30 -12.85
C PHE A 199 -1.53 -7.78 -12.34
N ILE A 200 -2.58 -7.20 -12.90
CA ILE A 200 -3.95 -7.61 -12.64
C ILE A 200 -4.49 -8.33 -13.86
N SER A 201 -5.66 -8.94 -13.70
CA SER A 201 -6.36 -9.54 -14.83
C SER A 201 -7.30 -8.50 -15.41
N PRO A 202 -7.02 -7.96 -16.61
CA PRO A 202 -7.89 -6.91 -17.16
C PRO A 202 -9.37 -7.29 -17.22
N GLN A 203 -9.68 -8.54 -17.56
CA GLN A 203 -11.07 -8.97 -17.64
C GLN A 203 -11.75 -8.93 -16.28
N ARG A 204 -11.18 -9.65 -15.31
CA ARG A 204 -11.77 -9.69 -13.97
C ARG A 204 -11.77 -8.32 -13.31
N THR A 205 -10.69 -7.54 -13.51
CA THR A 205 -10.63 -6.22 -12.89
C THR A 205 -11.66 -5.27 -13.49
N LEU A 206 -11.83 -5.32 -14.82
CA LEU A 206 -12.90 -4.57 -15.46
C LEU A 206 -14.24 -4.93 -14.82
N GLU A 207 -14.59 -6.23 -14.90
CA GLU A 207 -15.85 -6.71 -14.33
C GLU A 207 -16.05 -6.24 -12.89
N TRP A 208 -14.97 -6.24 -12.09
CA TRP A 208 -15.07 -5.74 -10.73
C TRP A 208 -15.38 -4.25 -10.70
N ALA A 209 -14.73 -3.48 -11.58
CA ALA A 209 -14.92 -2.03 -11.56
C ALA A 209 -16.34 -1.64 -11.93
N ILE A 210 -16.93 -2.31 -12.93
CA ILE A 210 -18.34 -2.03 -13.22
C ILE A 210 -19.23 -2.60 -12.11
N ASP A 211 -18.86 -3.75 -11.55
CA ASP A 211 -19.68 -4.37 -10.52
C ASP A 211 -19.81 -3.49 -9.29
N ASN A 212 -18.79 -2.70 -8.97
CA ASN A 212 -18.77 -1.88 -7.77
C ASN A 212 -18.91 -0.39 -8.07
N GLU A 213 -19.21 -0.04 -9.33
CA GLU A 213 -19.40 1.36 -9.74
C GLU A 213 -18.14 2.19 -9.42
N ARG A 214 -17.03 1.78 -10.01
CA ARG A 214 -15.76 2.49 -9.94
C ARG A 214 -15.38 2.89 -11.36
N ALA A 215 -15.88 4.05 -11.79
CA ALA A 215 -15.66 4.49 -13.16
C ALA A 215 -14.20 4.79 -13.44
N ASP A 216 -13.43 5.18 -12.41
CA ASP A 216 -12.01 5.44 -12.60
C ASP A 216 -11.26 4.16 -12.97
N LEU A 217 -11.44 3.11 -12.17
CA LEU A 217 -10.79 1.83 -12.45
C LEU A 217 -11.28 1.26 -13.77
N ALA A 218 -12.59 1.34 -14.03
CA ALA A 218 -13.14 0.82 -15.29
C ALA A 218 -12.55 1.54 -16.49
N ALA A 219 -12.44 2.87 -16.41
CA ALA A 219 -11.87 3.63 -17.52
C ALA A 219 -10.39 3.37 -17.68
N TRP A 220 -9.67 3.14 -16.59
CA TRP A 220 -8.25 2.81 -16.72
C TRP A 220 -8.07 1.45 -17.37
N ILE A 221 -8.93 0.49 -17.06
CA ILE A 221 -8.83 -0.82 -17.69
C ILE A 221 -9.24 -0.74 -19.15
N GLU A 222 -10.26 0.07 -19.46
CA GLU A 222 -10.67 0.23 -20.85
C GLU A 222 -9.65 1.02 -21.65
N GLY A 223 -8.92 1.91 -21.01
CA GLY A 223 -7.87 2.67 -21.68
C GLY A 223 -6.61 1.88 -21.98
N GLY A 224 -6.56 0.61 -21.61
CA GLY A 224 -5.39 -0.22 -21.84
C GLY A 224 -4.53 -0.45 -20.62
N GLY A 225 -5.00 -0.09 -19.43
CA GLY A 225 -4.19 -0.24 -18.24
C GLY A 225 -2.88 0.51 -18.28
N LYS A 226 -2.82 1.60 -19.03
CA LYS A 226 -1.56 2.31 -19.23
C LYS A 226 -1.04 2.86 -17.91
N PRO A 227 0.28 2.90 -17.73
CA PRO A 227 0.84 3.23 -16.41
C PRO A 227 0.51 4.65 -15.99
N LEU A 228 0.03 4.79 -14.75
CA LEU A 228 -0.19 6.11 -14.18
C LEU A 228 1.12 6.80 -13.86
N SER A 229 2.09 6.05 -13.35
CA SER A 229 3.38 6.61 -12.95
C SER A 229 4.25 6.93 -14.17
N SER A 240 12.46 -2.31 -21.11
CA SER A 240 11.92 -2.90 -22.34
C SER A 240 10.52 -2.42 -22.71
N HIS A 241 9.53 -3.31 -22.71
CA HIS A 241 8.18 -2.95 -23.09
C HIS A 241 7.51 -2.07 -22.07
N GLU A 242 6.56 -1.26 -22.49
CA GLU A 242 5.79 -0.46 -21.55
C GLU A 242 5.00 -1.32 -20.58
N LEU A 243 5.10 -1.04 -19.30
CA LEU A 243 4.45 -1.85 -18.34
C LEU A 243 3.11 -1.32 -18.09
N CYS A 244 2.11 -2.16 -18.25
CA CYS A 244 0.77 -1.75 -18.06
C CYS A 244 0.10 -2.74 -17.14
N TRP A 245 -1.16 -2.52 -16.77
CA TRP A 245 -1.94 -3.40 -15.90
C TRP A 245 -1.27 -3.62 -14.55
N LEU A 246 -0.50 -2.66 -14.08
CA LEU A 246 0.22 -2.83 -12.82
C LEU A 246 -0.74 -2.90 -11.64
N LEU A 247 -0.44 -3.80 -10.70
CA LEU A 247 -1.27 -3.92 -9.50
C LEU A 247 -1.23 -2.64 -8.67
N GLU A 248 -0.08 -1.96 -8.63
CA GLU A 248 0.06 -0.78 -7.78
C GLU A 248 -0.80 0.37 -8.30
N ASP A 249 -0.88 0.52 -9.63
CA ASP A 249 -1.77 1.52 -10.21
C ASP A 249 -3.23 1.23 -9.87
N ALA A 250 -3.64 -0.03 -10.04
CA ALA A 250 -5.01 -0.41 -9.72
C ALA A 250 -5.31 -0.18 -8.24
N LEU A 251 -4.33 -0.39 -7.38
CA LEU A 251 -4.51 -0.11 -5.96
C LEU A 251 -4.66 1.38 -5.71
N LEU A 252 -3.90 2.21 -6.43
CA LEU A 252 -4.13 3.64 -6.35
C LEU A 252 -5.49 4.04 -6.89
N LEU A 253 -6.10 3.21 -7.74
CA LEU A 253 -7.43 3.49 -8.26
C LEU A 253 -8.54 2.89 -7.42
N ALA A 254 -8.27 1.78 -6.73
CA ALA A 254 -9.23 1.15 -5.83
C ALA A 254 -8.44 0.70 -4.61
N GLU A 255 -8.39 1.56 -3.58
CA GLU A 255 -7.66 1.24 -2.37
C GLU A 255 -8.15 -0.05 -1.74
N ASP A 256 -9.42 -0.40 -1.95
CA ASP A 256 -10.01 -1.63 -1.45
C ASP A 256 -10.08 -2.72 -2.53
N LEU A 257 -9.14 -2.72 -3.46
CA LEU A 257 -9.13 -3.72 -4.52
C LEU A 257 -8.85 -5.10 -3.92
N PRO A 258 -9.64 -6.12 -4.26
CA PRO A 258 -9.30 -7.50 -3.85
C PRO A 258 -8.24 -8.07 -4.78
N ALA A 259 -6.99 -7.69 -4.51
CA ALA A 259 -5.88 -8.10 -5.36
C ALA A 259 -5.87 -9.61 -5.57
N ASP A 260 -6.04 -10.37 -4.48
CA ASP A 260 -5.99 -11.82 -4.52
C ASP A 260 -6.75 -12.39 -5.72
N SER A 261 -8.00 -11.97 -5.91
CA SER A 261 -8.84 -12.56 -6.94
C SER A 261 -8.60 -11.98 -8.33
N LEU A 262 -7.96 -10.81 -8.42
CA LEU A 262 -7.77 -10.15 -9.70
C LEU A 262 -6.34 -10.23 -10.22
N LEU A 263 -5.40 -10.75 -9.42
CA LEU A 263 -4.03 -10.87 -9.87
C LEU A 263 -3.93 -11.83 -11.05
N LEU A 264 -3.08 -11.47 -12.01
CA LEU A 264 -2.84 -12.33 -13.16
C LEU A 264 -2.17 -13.62 -12.71
N THR A 265 -2.81 -14.75 -12.99
CA THR A 265 -2.28 -16.05 -12.61
C THR A 265 -1.88 -16.84 -13.85
N SER A 266 -1.06 -17.86 -13.63
CA SER A 266 -0.59 -18.70 -14.73
C SER A 266 -1.73 -19.48 -15.39
N GLU A 267 -2.88 -19.58 -14.73
CA GLU A 267 -4.04 -20.26 -15.29
C GLU A 267 -4.85 -19.38 -16.22
N ASP A 268 -4.37 -18.17 -16.51
CA ASP A 268 -5.10 -17.22 -17.36
C ASP A 268 -4.82 -17.50 -18.83
N PRO A 269 -5.85 -17.36 -19.67
CA PRO A 269 -5.65 -17.60 -21.11
C PRO A 269 -4.61 -16.67 -21.69
N ALA A 270 -3.85 -17.20 -22.67
CA ALA A 270 -2.74 -16.46 -23.26
C ALA A 270 -3.20 -15.30 -24.14
N ASP A 271 -4.48 -15.18 -24.44
CA ASP A 271 -4.98 -14.01 -25.15
C ASP A 271 -5.35 -12.87 -24.21
N CYS A 272 -5.01 -12.99 -22.94
CA CYS A 272 -5.16 -11.89 -21.99
C CYS A 272 -4.02 -10.89 -22.20
N PRO A 273 -4.33 -9.60 -22.32
CA PRO A 273 -3.26 -8.62 -22.53
C PRO A 273 -2.18 -8.64 -21.46
N ALA A 274 -2.58 -8.75 -20.18
CA ALA A 274 -1.59 -8.81 -19.12
C ALA A 274 -0.77 -10.08 -19.18
N GLN A 275 -1.39 -11.20 -19.59
CA GLN A 275 -0.65 -12.44 -19.74
C GLN A 275 0.40 -12.33 -20.84
N GLN A 276 0.04 -11.74 -21.98
CA GLN A 276 0.99 -11.50 -23.05
C GLN A 276 2.10 -10.58 -22.60
N LEU A 277 1.76 -9.55 -21.80
CA LEU A 277 2.78 -8.65 -21.27
C LEU A 277 3.77 -9.40 -20.39
N TYR A 278 3.27 -10.22 -19.47
CA TYR A 278 4.16 -11.00 -18.62
C TYR A 278 5.07 -11.89 -19.45
N VAL A 279 4.55 -12.51 -20.49
CA VAL A 279 5.36 -13.43 -21.26
C VAL A 279 6.43 -12.67 -22.01
N ALA A 280 6.09 -11.50 -22.53
CA ALA A 280 7.05 -10.71 -23.25
C ALA A 280 8.06 -10.10 -22.32
N MET A 281 7.65 -9.80 -21.10
CA MET A 281 8.53 -9.13 -20.18
C MET A 281 9.41 -10.14 -19.51
N ARG A 282 9.15 -11.41 -19.75
CA ARG A 282 10.00 -12.43 -19.22
C ARG A 282 11.18 -12.40 -20.14
N SER A 283 11.89 -11.28 -20.16
CA SER A 283 13.09 -11.13 -20.98
C SER A 283 14.20 -11.22 -20.00
N ALA A 288 21.76 -10.58 -13.89
CA ALA A 288 21.28 -11.68 -13.09
C ALA A 288 22.03 -11.75 -11.80
N GLY A 289 22.95 -10.81 -11.59
CA GLY A 289 23.66 -10.74 -10.33
C GLY A 289 22.82 -9.95 -9.39
N ILE A 290 22.32 -8.81 -9.84
CA ILE A 290 21.42 -8.06 -9.02
C ILE A 290 20.03 -8.21 -9.63
N ILE A 291 19.09 -8.79 -8.88
CA ILE A 291 17.72 -8.94 -9.36
C ILE A 291 16.80 -7.99 -8.68
N LEU A 292 15.98 -7.31 -9.45
CA LEU A 292 15.08 -6.31 -8.90
C LEU A 292 13.65 -6.81 -9.05
N CYS A 293 12.89 -6.72 -7.96
CA CYS A 293 11.50 -7.17 -7.96
C CYS A 293 10.69 -6.26 -7.07
N SER A 294 9.38 -6.48 -7.08
CA SER A 294 8.46 -5.70 -6.27
C SER A 294 8.17 -6.40 -4.95
N HIS A 295 7.48 -5.70 -4.06
CA HIS A 295 7.12 -6.26 -2.77
C HIS A 295 6.20 -7.47 -2.93
N PHE A 296 5.21 -7.35 -3.83
CA PHE A 296 4.27 -8.46 -4.04
C PHE A 296 4.98 -9.66 -4.64
N MET A 297 5.95 -9.43 -5.53
CA MET A 297 6.72 -10.53 -6.10
C MET A 297 7.47 -11.27 -5.01
N LEU A 298 8.11 -10.54 -4.09
CA LEU A 298 8.86 -11.18 -3.01
C LEU A 298 7.93 -11.93 -2.06
N ALA A 299 6.77 -11.37 -1.78
CA ALA A 299 5.82 -12.05 -0.89
C ALA A 299 5.32 -13.35 -1.52
N ALA A 300 4.94 -13.29 -2.81
CA ALA A 300 4.50 -14.50 -3.50
C ALA A 300 5.61 -15.53 -3.59
N HIS A 301 6.85 -15.07 -3.76
CA HIS A 301 7.99 -15.98 -3.80
C HIS A 301 8.17 -16.68 -2.46
N THR A 302 8.09 -15.90 -1.37
CA THR A 302 8.14 -16.49 -0.03
C THR A 302 7.05 -17.55 0.12
N ARG A 303 5.83 -17.22 -0.31
CA ARG A 303 4.72 -18.16 -0.15
C ARG A 303 4.96 -19.45 -0.92
N MET A 304 5.34 -19.35 -2.20
CA MET A 304 5.60 -20.55 -2.99
C MET A 304 6.79 -21.32 -2.44
N MET A 305 7.78 -20.63 -1.86
CA MET A 305 8.90 -21.31 -1.22
C MET A 305 8.41 -22.14 -0.04
N GLN A 306 7.44 -21.70 0.71
CA GLN A 306 7.01 -22.54 1.79
C GLN A 306 5.71 -23.24 1.47
N MET A 307 5.74 -24.49 1.01
CA MET A 307 4.48 -25.12 0.61
C MET A 307 4.29 -26.56 1.12
N ARG A 308 5.30 -27.41 1.03
CA ARG A 308 5.24 -28.74 1.57
C ARG A 308 6.10 -28.78 2.82
N SER A 325 12.51 -18.63 -10.59
CA SER A 325 11.87 -17.32 -10.59
C SER A 325 12.71 -16.30 -9.83
N LEU A 326 13.04 -16.63 -8.60
CA LEU A 326 13.91 -15.85 -7.75
C LEU A 326 14.86 -16.81 -7.05
N PRO A 327 16.01 -16.32 -6.57
CA PRO A 327 16.96 -17.20 -5.89
C PRO A 327 16.32 -17.90 -4.70
N HIS A 328 16.54 -19.22 -4.62
CA HIS A 328 16.05 -19.99 -3.49
C HIS A 328 16.65 -19.51 -2.16
N PHE A 329 17.83 -18.90 -2.21
CA PHE A 329 18.44 -18.30 -1.04
C PHE A 329 18.97 -16.92 -1.40
N ILE A 330 18.60 -15.93 -0.59
CA ILE A 330 18.95 -14.54 -0.84
C ILE A 330 20.19 -14.23 0.00
N ASP A 331 21.32 -14.02 -0.67
CA ASP A 331 22.51 -13.63 0.07
C ASP A 331 22.34 -12.24 0.66
N THR A 332 21.92 -11.28 -0.15
CA THR A 332 21.75 -9.90 0.29
C THR A 332 20.44 -9.35 -0.26
N LEU A 333 19.55 -8.96 0.66
CA LEU A 333 18.26 -8.37 0.33
C LEU A 333 18.26 -6.89 0.70
N ILE A 334 17.77 -6.06 -0.21
CA ILE A 334 17.59 -4.64 0.04
C ILE A 334 16.16 -4.28 -0.31
N VAL A 335 15.44 -3.70 0.64
CA VAL A 335 14.02 -3.40 0.47
C VAL A 335 13.84 -1.89 0.54
N ASP A 336 13.69 -1.24 -0.60
CA ASP A 336 13.30 0.16 -0.62
C ASP A 336 11.83 0.30 -0.28
N GLU A 337 11.49 1.40 0.39
CA GLU A 337 10.14 1.64 0.89
C GLU A 337 9.66 0.43 1.70
N ALA A 338 10.45 0.06 2.69
CA ALA A 338 10.18 -1.15 3.46
C ALA A 338 8.87 -1.07 4.22
N HIS A 339 8.38 0.14 4.53
CA HIS A 339 7.14 0.28 5.28
C HIS A 339 5.94 -0.28 4.53
N LEU A 340 6.06 -0.50 3.22
CA LEU A 340 4.98 -1.13 2.46
C LEU A 340 5.07 -2.65 2.47
N LEU A 341 6.25 -3.21 2.75
CA LEU A 341 6.48 -4.64 2.56
C LEU A 341 5.42 -5.49 3.26
N GLU A 342 5.10 -5.17 4.52
CA GLU A 342 4.13 -5.96 5.25
C GLU A 342 2.78 -5.97 4.55
N GLN A 343 2.31 -4.81 4.09
CA GLN A 343 1.03 -4.77 3.37
C GLN A 343 1.06 -5.65 2.13
N ALA A 344 2.23 -5.84 1.53
CA ALA A 344 2.33 -6.72 0.37
C ALA A 344 2.20 -8.18 0.77
N PHE A 345 2.67 -8.55 1.96
CA PHE A 345 2.54 -9.92 2.40
C PHE A 345 1.09 -10.26 2.71
N ALA A 346 0.44 -9.42 3.53
CA ALA A 346 -0.96 -9.64 3.88
C ALA A 346 -1.84 -9.78 2.65
N SER A 347 -1.58 -8.97 1.62
CA SER A 347 -2.35 -9.08 0.38
C SER A 347 -2.11 -10.42 -0.30
N VAL A 348 -0.85 -10.88 -0.34
CA VAL A 348 -0.56 -12.16 -1.00
C VAL A 348 -1.15 -13.32 -0.22
N TYR A 349 -1.18 -13.22 1.11
CA TYR A 349 -1.70 -14.28 1.96
C TYR A 349 -3.19 -14.14 2.26
N THR A 350 -3.88 -13.27 1.53
CA THR A 350 -5.32 -13.12 1.67
C THR A 350 -6.03 -13.80 0.50
N HIS A 351 -7.10 -14.53 0.82
CA HIS A 351 -7.96 -15.14 -0.17
C HIS A 351 -9.31 -14.45 -0.18
N THR A 352 -9.95 -14.43 -1.34
CA THR A 352 -11.14 -13.62 -1.56
C THR A 352 -12.12 -14.37 -2.45
N LEU A 353 -13.28 -14.71 -1.91
CA LEU A 353 -14.34 -15.40 -2.63
C LEU A 353 -15.41 -14.37 -2.98
N ARG A 354 -15.47 -14.00 -4.27
CA ARG A 354 -16.48 -13.06 -4.77
C ARG A 354 -17.57 -13.86 -5.47
N LEU A 355 -18.80 -13.74 -4.96
CA LEU A 355 -19.86 -14.65 -5.38
C LEU A 355 -20.53 -14.22 -6.68
N ARG A 356 -20.65 -12.91 -6.93
CA ARG A 356 -21.39 -12.47 -8.11
C ARG A 356 -20.71 -12.88 -9.41
N PRO A 357 -19.43 -12.57 -9.66
CA PRO A 357 -18.83 -13.01 -10.92
C PRO A 357 -18.68 -14.51 -11.01
N LEU A 358 -18.51 -15.21 -9.89
CA LEU A 358 -18.42 -16.67 -9.91
C LEU A 358 -19.75 -17.28 -10.37
N MET A 359 -20.86 -16.84 -9.75
CA MET A 359 -22.18 -17.32 -10.15
C MET A 359 -22.47 -16.97 -11.60
N ARG A 360 -22.12 -15.74 -12.02
CA ARG A 360 -22.33 -15.35 -13.41
C ARG A 360 -21.49 -16.20 -14.35
N THR A 361 -20.31 -16.64 -13.92
CA THR A 361 -19.50 -17.54 -14.71
C THR A 361 -20.18 -18.90 -14.86
N ILE A 362 -20.61 -19.48 -13.74
CA ILE A 362 -21.21 -20.81 -13.79
C ILE A 362 -22.49 -20.81 -14.61
N GLU A 363 -23.26 -19.71 -14.56
CA GLU A 363 -24.50 -19.64 -15.31
C GLU A 363 -24.27 -19.84 -16.81
N GLY A 364 -23.11 -19.41 -17.32
CA GLY A 364 -22.81 -19.55 -18.73
C GLY A 364 -21.99 -20.78 -19.06
N LEU A 365 -22.25 -21.87 -18.36
CA LEU A 365 -21.57 -23.13 -18.60
C LEU A 365 -22.60 -24.20 -18.96
N GLY A 366 -22.09 -25.38 -19.32
CA GLY A 366 -22.98 -26.50 -19.59
C GLY A 366 -23.81 -26.88 -18.39
N SER A 367 -24.88 -27.61 -18.66
CA SER A 367 -25.82 -28.00 -17.61
C SER A 367 -25.35 -29.20 -16.80
N ARG A 368 -24.15 -29.70 -17.05
CA ARG A 368 -23.69 -30.95 -16.44
C ARG A 368 -23.78 -30.90 -14.92
N GLY A 369 -23.05 -29.98 -14.30
CA GLY A 369 -23.10 -29.84 -12.85
C GLY A 369 -23.45 -28.44 -12.42
N ARG A 370 -24.23 -27.73 -13.23
CA ARG A 370 -24.48 -26.32 -13.00
C ARG A 370 -25.45 -26.10 -11.84
N LYS A 371 -26.61 -26.77 -11.87
CA LYS A 371 -27.60 -26.61 -10.83
C LYS A 371 -27.07 -26.87 -9.42
N PRO A 372 -26.33 -27.95 -9.14
CA PRO A 372 -25.81 -28.12 -7.78
C PRO A 372 -24.85 -27.02 -7.36
N ALA A 373 -23.96 -26.58 -8.26
CA ALA A 373 -23.00 -25.54 -7.90
C ALA A 373 -23.71 -24.22 -7.61
N LEU A 374 -24.71 -23.87 -8.43
CA LEU A 374 -25.43 -22.63 -8.19
C LEU A 374 -26.25 -22.71 -6.90
N ASP A 375 -26.87 -23.87 -6.63
CA ASP A 375 -27.58 -24.05 -5.37
C ASP A 375 -26.64 -23.93 -4.18
N ALA A 376 -25.43 -24.48 -4.31
CA ALA A 376 -24.46 -24.43 -3.21
C ALA A 376 -23.98 -23.01 -2.97
N LEU A 377 -23.76 -22.25 -4.04
CA LEU A 377 -23.39 -20.84 -3.86
C LEU A 377 -24.52 -20.03 -3.24
N LYS A 378 -25.76 -20.34 -3.62
CA LYS A 378 -26.91 -19.66 -3.01
C LYS A 378 -26.99 -20.00 -1.51
N GLU A 379 -26.77 -21.26 -1.16
CA GLU A 379 -26.75 -21.64 0.26
C GLU A 379 -25.62 -20.94 0.99
N LEU A 380 -24.46 -20.81 0.36
CA LEU A 380 -23.34 -20.11 0.97
C LEU A 380 -23.70 -18.65 1.22
N PHE A 381 -24.37 -18.01 0.26
CA PHE A 381 -24.76 -16.62 0.44
C PHE A 381 -25.80 -16.46 1.55
N THR A 382 -26.79 -17.35 1.60
CA THR A 382 -27.79 -17.29 2.66
C THR A 382 -27.13 -17.50 4.02
N GLN A 383 -26.22 -18.45 4.12
CA GLN A 383 -25.48 -18.66 5.36
C GLN A 383 -24.62 -17.47 5.70
N MET A 384 -24.14 -16.73 4.69
CA MET A 384 -23.37 -15.54 4.99
C MET A 384 -24.26 -14.45 5.57
N GLN A 385 -25.48 -14.28 5.02
CA GLN A 385 -26.45 -13.39 5.65
C GLN A 385 -26.66 -13.76 7.11
N VAL A 386 -26.94 -15.05 7.37
CA VAL A 386 -27.22 -15.51 8.73
C VAL A 386 -26.02 -15.26 9.64
N ALA A 387 -24.82 -15.57 9.17
CA ALA A 387 -23.62 -15.47 10.00
C ALA A 387 -23.23 -14.02 10.26
N SER A 388 -23.46 -13.12 9.29
CA SER A 388 -23.22 -11.71 9.54
C SER A 388 -24.24 -11.15 10.52
N ALA A 389 -25.49 -11.61 10.44
CA ALA A 389 -26.49 -11.20 11.41
C ALA A 389 -26.20 -11.75 12.80
N ARG A 390 -25.48 -12.88 12.87
CA ARG A 390 -25.26 -13.57 14.13
C ARG A 390 -24.51 -12.70 15.14
N SER A 391 -23.66 -11.79 14.66
CA SER A 391 -22.95 -10.86 15.53
C SER A 391 -22.49 -9.67 14.71
N THR A 392 -22.80 -8.47 15.18
CA THR A 392 -22.42 -7.25 14.46
C THR A 392 -21.60 -6.32 15.36
N LEU A 396 -16.43 -6.27 11.96
CA LEU A 396 -15.88 -7.28 12.87
C LEU A 396 -15.27 -8.44 12.09
N ASN A 397 -14.00 -8.73 12.37
CA ASN A 397 -13.28 -9.83 11.73
C ASN A 397 -13.30 -11.02 12.67
N VAL A 398 -14.05 -12.06 12.30
CA VAL A 398 -14.33 -13.18 13.19
C VAL A 398 -13.74 -14.43 12.57
N PRO A 399 -13.45 -15.47 13.38
CA PRO A 399 -12.85 -16.69 12.85
C PRO A 399 -13.86 -17.73 12.38
N LEU A 400 -13.37 -18.89 11.95
CA LEU A 400 -14.25 -19.97 11.52
C LEU A 400 -15.13 -20.48 12.66
N SER A 401 -14.51 -20.74 13.82
CA SER A 401 -15.24 -21.32 14.94
C SER A 401 -16.37 -20.42 15.43
N ASP A 402 -16.35 -19.13 15.06
CA ASP A 402 -17.46 -18.25 15.42
C ASP A 402 -18.61 -18.33 14.42
N VAL A 403 -18.38 -18.88 13.24
CA VAL A 403 -19.43 -18.97 12.22
C VAL A 403 -19.49 -20.39 11.68
N PRO A 404 -19.88 -21.40 12.52
CA PRO A 404 -19.83 -22.76 11.98
C PRO A 404 -20.84 -23.05 10.88
N GLU A 405 -21.75 -22.12 10.69
CA GLU A 405 -22.78 -22.32 9.72
C GLU A 405 -22.23 -22.28 8.31
N LEU A 406 -21.13 -21.59 8.12
CA LEU A 406 -20.55 -21.46 6.80
C LEU A 406 -19.80 -22.70 6.44
N ILE A 407 -19.38 -23.45 7.43
CA ILE A 407 -18.60 -24.64 7.21
C ILE A 407 -19.34 -25.59 6.29
N PRO A 408 -20.53 -26.11 6.63
CA PRO A 408 -21.25 -26.89 5.65
C PRO A 408 -21.30 -26.15 4.37
N ALA A 409 -21.70 -24.88 4.46
CA ALA A 409 -21.86 -24.24 3.14
C ALA A 409 -20.65 -24.29 2.21
N LEU A 410 -19.48 -23.92 2.69
CA LEU A 410 -18.28 -23.87 1.89
C LEU A 410 -17.78 -25.20 1.48
N LYS A 411 -17.95 -26.19 2.33
CA LYS A 411 -17.56 -27.52 1.88
C LYS A 411 -18.42 -27.93 0.70
N ASP A 412 -19.73 -27.73 0.81
CA ASP A 412 -20.56 -28.06 -0.33
C ASP A 412 -20.12 -27.28 -1.55
N THR A 413 -19.82 -26.01 -1.37
CA THR A 413 -19.39 -25.18 -2.50
C THR A 413 -18.16 -25.73 -3.20
N VAL A 414 -17.12 -26.05 -2.45
CA VAL A 414 -15.91 -26.59 -3.04
C VAL A 414 -16.22 -27.88 -3.76
N LYS A 415 -17.00 -28.73 -3.12
CA LYS A 415 -17.33 -29.98 -3.73
C LYS A 415 -17.93 -29.75 -5.09
N THR A 416 -18.95 -28.90 -5.15
CA THR A 416 -19.62 -28.64 -6.39
C THR A 416 -18.75 -27.94 -7.42
N LEU A 417 -17.87 -27.05 -6.97
CA LEU A 417 -16.97 -26.39 -7.92
C LEU A 417 -15.96 -27.35 -8.51
N GLY A 418 -15.73 -28.50 -7.89
CA GLY A 418 -14.89 -29.51 -8.47
C GLY A 418 -15.61 -30.54 -9.32
N ALA A 419 -16.94 -30.51 -9.30
CA ALA A 419 -17.74 -31.53 -9.96
C ALA A 419 -18.16 -31.17 -11.37
N LEU A 420 -18.03 -29.90 -11.76
CA LEU A 420 -18.43 -29.62 -13.13
C LEU A 420 -17.27 -29.86 -14.10
N PRO A 421 -17.55 -30.44 -15.26
CA PRO A 421 -16.47 -30.98 -16.09
C PRO A 421 -15.60 -29.88 -16.68
N THR A 422 -14.28 -30.09 -16.60
CA THR A 422 -13.34 -29.14 -17.19
C THR A 422 -13.34 -29.19 -18.71
N LYS A 423 -13.80 -30.29 -19.29
CA LYS A 423 -13.83 -30.44 -20.75
C LYS A 423 -14.73 -29.39 -21.39
N GLY A 424 -14.13 -28.40 -22.04
CA GLY A 424 -14.89 -27.37 -22.71
C GLY A 424 -15.07 -26.08 -21.95
N MET A 425 -14.32 -25.87 -20.88
CA MET A 425 -14.29 -24.58 -20.21
C MET A 425 -13.15 -23.75 -20.77
N SER A 426 -13.46 -22.54 -21.22
CA SER A 426 -12.40 -21.58 -21.50
C SER A 426 -11.59 -21.36 -20.24
N ARG A 427 -10.30 -21.07 -20.42
CA ARG A 427 -9.45 -20.88 -19.25
C ARG A 427 -9.83 -19.67 -18.43
N ASP A 428 -10.69 -18.80 -18.96
CA ASP A 428 -11.31 -17.76 -18.13
C ASP A 428 -12.08 -18.38 -16.97
N ALA A 429 -13.07 -19.22 -17.30
CA ALA A 429 -13.86 -19.89 -16.28
C ALA A 429 -12.99 -20.81 -15.43
N ARG A 430 -11.97 -21.43 -16.04
CA ARG A 430 -11.04 -22.25 -15.27
C ARG A 430 -10.38 -21.44 -14.17
N SER A 431 -9.84 -20.28 -14.53
CA SER A 431 -9.23 -19.40 -13.52
C SER A 431 -10.27 -19.03 -12.47
N VAL A 432 -11.44 -18.56 -12.89
CA VAL A 432 -12.45 -18.10 -11.93
C VAL A 432 -12.76 -19.20 -10.91
N ILE A 433 -13.04 -20.41 -11.41
CA ILE A 433 -13.48 -21.49 -10.53
C ILE A 433 -12.33 -21.99 -9.65
N ARG A 434 -11.12 -22.08 -10.20
CA ARG A 434 -10.00 -22.56 -9.39
C ARG A 434 -9.63 -21.55 -8.30
N ILE A 435 -9.61 -20.27 -8.64
CA ILE A 435 -9.40 -19.23 -7.63
C ILE A 435 -10.49 -19.30 -6.55
N ALA A 436 -11.74 -19.51 -6.97
CA ALA A 436 -12.82 -19.61 -5.99
C ALA A 436 -12.63 -20.80 -5.06
N THR A 437 -12.26 -21.96 -5.60
CA THR A 437 -12.02 -23.13 -4.77
C THR A 437 -10.86 -22.90 -3.80
N ARG A 438 -9.79 -22.27 -4.28
CA ARG A 438 -8.66 -21.95 -3.41
C ARG A 438 -9.10 -21.06 -2.27
N ALA A 439 -9.89 -20.02 -2.56
CA ALA A 439 -10.36 -19.11 -1.53
C ALA A 439 -11.23 -19.84 -0.51
N ALA A 440 -12.15 -20.67 -0.98
CA ALA A 440 -13.04 -21.39 -0.07
C ALA A 440 -12.25 -22.35 0.81
N ASN A 441 -11.22 -23.00 0.26
CA ASN A 441 -10.41 -23.89 1.08
C ASN A 441 -9.61 -23.12 2.12
N ASP A 442 -9.04 -21.98 1.75
CA ASP A 442 -8.33 -21.18 2.74
C ASP A 442 -9.26 -20.70 3.83
N ALA A 443 -10.52 -20.41 3.49
CA ALA A 443 -11.50 -20.11 4.54
C ALA A 443 -11.70 -21.32 5.43
N LEU A 444 -11.92 -22.50 4.84
CA LEU A 444 -12.11 -23.73 5.59
C LEU A 444 -10.90 -24.12 6.43
N SER A 445 -9.74 -23.50 6.21
CA SER A 445 -8.52 -23.91 6.90
C SER A 445 -8.69 -23.87 8.42
N GLY A 446 -9.25 -22.79 8.95
CA GLY A 446 -9.29 -22.57 10.38
C GLY A 446 -8.10 -21.82 10.93
N HIS A 447 -7.08 -21.56 10.10
CA HIS A 447 -5.94 -20.74 10.47
C HIS A 447 -6.11 -19.29 10.05
N SER A 448 -7.09 -19.00 9.19
CA SER A 448 -7.32 -17.66 8.70
C SER A 448 -8.55 -17.05 9.36
N ARG A 449 -8.65 -15.73 9.27
CA ARG A 449 -9.77 -14.95 9.79
C ARG A 449 -10.62 -14.48 8.63
N LEU A 450 -11.93 -14.41 8.87
CA LEU A 450 -12.90 -14.17 7.81
C LEU A 450 -13.59 -12.82 7.97
N ARG A 451 -14.00 -12.28 6.82
CA ARG A 451 -14.89 -11.13 6.71
C ARG A 451 -16.05 -11.52 5.81
N ILE A 452 -17.27 -11.28 6.30
CA ILE A 452 -18.48 -11.51 5.52
C ILE A 452 -19.00 -10.15 5.08
N GLU A 453 -19.15 -9.97 3.77
CA GLU A 453 -19.70 -8.73 3.22
C GLU A 453 -20.91 -9.11 2.37
N VAL A 454 -22.10 -8.84 2.90
CA VAL A 454 -23.35 -9.34 2.34
C VAL A 454 -24.38 -8.22 2.30
N THR A 455 -25.54 -8.53 1.72
CA THR A 455 -26.64 -7.62 1.34
C THR A 455 -26.98 -6.56 2.39
N PRO A 456 -27.10 -6.91 3.69
CA PRO A 456 -27.42 -5.86 4.67
C PRO A 456 -26.45 -4.70 4.66
N VAL A 457 -25.16 -4.93 4.37
CA VAL A 457 -24.14 -3.90 4.45
C VAL A 457 -23.45 -3.68 3.10
N HIS A 458 -23.23 -4.75 2.34
CA HIS A 458 -22.43 -4.68 1.12
C HIS A 458 -23.21 -5.30 -0.03
N SER A 459 -23.51 -4.48 -1.05
CA SER A 459 -24.21 -4.99 -2.23
C SER A 459 -23.41 -6.03 -3.00
N TYR A 460 -22.09 -6.05 -2.82
CA TYR A 460 -21.24 -7.01 -3.49
C TYR A 460 -20.89 -8.13 -2.52
N PRO A 461 -21.45 -9.31 -2.66
CA PRO A 461 -21.19 -10.38 -1.67
C PRO A 461 -19.75 -10.87 -1.79
N MET A 462 -19.12 -11.07 -0.62
CA MET A 462 -17.70 -11.40 -0.61
C MET A 462 -17.33 -12.05 0.72
N LEU A 463 -16.42 -13.02 0.63
CA LEU A 463 -15.85 -13.72 1.79
C LEU A 463 -14.34 -13.51 1.76
N LEU A 464 -13.81 -12.77 2.72
CA LEU A 464 -12.38 -12.57 2.85
C LEU A 464 -11.83 -13.53 3.88
N SER A 465 -10.65 -14.10 3.62
CA SER A 465 -9.97 -14.98 4.56
C SER A 465 -8.48 -14.66 4.51
N GLY A 466 -7.99 -13.96 5.54
CA GLY A 466 -6.60 -13.54 5.60
C GLY A 466 -5.90 -14.07 6.84
N ARG A 467 -4.57 -14.00 6.81
CA ARG A 467 -3.78 -14.42 7.95
C ARG A 467 -3.52 -13.24 8.88
N SER A 468 -3.81 -13.43 10.16
CA SER A 468 -3.38 -12.48 11.16
C SER A 468 -1.96 -12.75 11.65
N ASN A 469 -1.38 -13.87 11.23
CA ASN A 469 -0.06 -14.32 11.68
C ASN A 469 0.80 -14.59 10.46
N LEU A 470 1.36 -13.53 9.89
CA LEU A 470 2.46 -13.68 8.95
C LEU A 470 3.78 -13.94 9.66
N GLN A 471 3.74 -14.23 10.95
CA GLN A 471 4.94 -14.64 11.68
C GLN A 471 5.67 -15.74 10.93
N ARG A 472 5.00 -16.88 10.75
CA ARG A 472 5.58 -18.02 10.04
C ARG A 472 6.10 -17.62 8.66
N ALA A 473 5.33 -16.82 7.92
CA ALA A 473 5.70 -16.46 6.56
C ALA A 473 7.01 -15.65 6.53
N LEU A 474 7.06 -14.58 7.32
CA LEU A 474 8.25 -13.73 7.28
C LEU A 474 9.46 -14.39 7.95
N LEU A 475 9.26 -15.28 8.93
CA LEU A 475 10.42 -16.03 9.40
C LEU A 475 10.94 -16.95 8.32
N GLY A 476 10.04 -17.60 7.57
CA GLY A 476 10.48 -18.36 6.42
C GLY A 476 11.26 -17.51 5.43
N LEU A 477 10.84 -16.26 5.25
CA LEU A 477 11.58 -15.35 4.40
C LEU A 477 12.98 -15.10 4.95
N TRP A 478 13.06 -14.62 6.19
CA TRP A 478 14.35 -14.20 6.75
C TRP A 478 15.31 -15.37 6.90
N ASN A 479 14.80 -16.60 7.03
CA ASN A 479 15.70 -17.74 7.09
C ASN A 479 16.34 -18.04 5.73
N ALA A 480 15.67 -17.67 4.64
CA ALA A 480 16.24 -17.76 3.31
C ALA A 480 17.00 -16.50 2.92
N THR A 481 17.49 -15.75 3.90
CA THR A 481 18.16 -14.48 3.67
C THR A 481 19.43 -14.43 4.51
N GLY A 482 20.55 -14.11 3.88
CA GLY A 482 21.81 -13.94 4.58
C GLY A 482 21.84 -12.65 5.36
N GLY A 483 21.56 -11.54 4.69
CA GLY A 483 21.49 -10.25 5.34
C GLY A 483 20.52 -9.36 4.59
N ALA A 484 20.06 -8.31 5.27
CA ALA A 484 19.05 -7.43 4.69
C ALA A 484 19.25 -6.01 5.16
N THR A 485 18.94 -5.07 4.27
CA THR A 485 18.85 -3.65 4.61
C THR A 485 17.46 -3.16 4.23
N LEU A 486 16.71 -2.69 5.21
CA LEU A 486 15.38 -2.13 5.01
C LEU A 486 15.50 -0.61 4.97
N VAL A 487 15.10 -0.01 3.85
CA VAL A 487 15.20 1.42 3.63
C VAL A 487 13.79 1.98 3.48
N SER A 488 13.52 3.09 4.15
CA SER A 488 12.24 3.77 4.04
C SER A 488 12.36 5.14 4.67
N ALA A 489 11.54 6.08 4.20
CA ALA A 489 11.47 7.37 4.86
C ALA A 489 10.91 7.25 6.26
N THR A 490 10.06 6.26 6.50
CA THR A 490 9.40 6.06 7.79
C THR A 490 9.55 4.60 8.21
N LEU A 491 10.54 4.34 9.07
CA LEU A 491 10.70 3.04 9.71
C LEU A 491 10.35 3.04 11.18
N PHE A 492 10.58 4.15 11.83
CA PHE A 492 10.38 4.22 13.25
C PHE A 492 9.13 4.96 13.62
N THR A 493 8.77 4.85 14.88
CA THR A 493 7.60 5.50 15.39
C THR A 493 8.11 6.23 16.56
N THR A 494 7.99 7.53 16.58
CA THR A 494 8.37 8.27 17.77
C THR A 494 9.74 7.98 18.28
N GLY A 495 10.74 8.04 17.43
CA GLY A 495 12.08 7.88 17.92
C GLY A 495 12.97 7.10 17.02
N ASP A 496 13.87 6.36 17.61
CA ASP A 496 14.69 5.46 16.86
C ASP A 496 13.93 4.21 17.08
N ASN A 497 12.75 4.33 17.68
CA ASN A 497 11.98 3.19 18.01
C ASN A 497 11.50 2.42 16.85
N GLY A 498 12.17 1.34 16.54
CA GLY A 498 11.70 0.45 15.50
C GLY A 498 11.07 -0.83 16.02
N SER A 499 10.40 -0.73 17.17
CA SER A 499 9.71 -1.90 17.72
C SER A 499 8.54 -2.32 16.84
N LEU A 500 7.68 -1.36 16.48
CA LEU A 500 6.49 -1.66 15.70
C LEU A 500 6.85 -2.31 14.37
N THR A 501 7.80 -1.72 13.64
CA THR A 501 8.14 -2.23 12.31
C THR A 501 8.82 -3.59 12.39
N ARG A 502 9.69 -3.78 13.39
CA ARG A 502 10.29 -5.10 13.60
C ARG A 502 9.22 -6.14 13.87
N TRP A 503 8.16 -5.77 14.60
CA TRP A 503 7.06 -6.69 14.82
C TRP A 503 6.28 -6.95 13.52
N LYS A 504 6.07 -5.91 12.71
CA LYS A 504 5.29 -6.06 11.50
C LYS A 504 5.94 -7.03 10.52
N LEU A 505 7.23 -6.87 10.29
CA LEU A 505 7.97 -7.73 9.37
C LEU A 505 8.52 -8.98 10.05
N GLU A 506 8.26 -9.16 11.34
CA GLU A 506 8.68 -10.36 12.09
C GLU A 506 10.17 -10.63 11.92
N VAL A 507 10.96 -9.57 12.01
CA VAL A 507 12.41 -9.74 11.99
C VAL A 507 12.86 -10.38 13.29
N PRO A 508 13.69 -11.43 13.25
CA PRO A 508 14.21 -12.00 14.50
C PRO A 508 14.95 -10.94 15.30
N THR A 509 14.62 -10.87 16.60
CA THR A 509 15.20 -9.82 17.44
C THR A 509 16.72 -9.96 17.54
N GLU A 510 17.25 -11.16 17.34
CA GLU A 510 18.69 -11.37 17.37
C GLU A 510 19.38 -10.99 16.06
N ARG A 511 18.63 -10.54 15.06
CA ARG A 511 19.22 -10.05 13.82
C ARG A 511 18.92 -8.59 13.52
N ALA A 512 17.95 -7.99 14.20
CA ALA A 512 17.61 -6.60 13.95
C ALA A 512 18.78 -5.70 14.30
N ALA A 513 19.07 -4.73 13.43
CA ALA A 513 20.14 -3.76 13.62
C ALA A 513 19.57 -2.38 13.35
N PHE A 514 19.24 -1.65 14.41
CA PHE A 514 18.60 -0.35 14.28
C PHE A 514 19.66 0.74 14.15
N LEU A 515 19.80 1.27 12.94
CA LEU A 515 20.72 2.37 12.69
C LEU A 515 20.05 3.70 13.01
N PRO A 516 20.84 4.73 13.32
CA PRO A 516 20.25 6.05 13.58
C PRO A 516 19.66 6.64 12.33
N PRO A 517 18.47 7.25 12.42
CA PRO A 517 17.83 7.80 11.23
C PRO A 517 18.51 9.08 10.76
N VAL A 518 18.42 9.32 9.45
CA VAL A 518 19.05 10.46 8.80
C VAL A 518 17.94 11.37 8.29
N HIS A 519 17.78 12.52 8.94
CA HIS A 519 16.82 13.54 8.51
C HIS A 519 17.53 14.89 8.56
N PRO A 520 17.94 15.42 7.40
CA PRO A 520 18.69 16.69 7.40
C PRO A 520 17.86 17.86 7.92
N ALA A 521 18.46 19.04 8.02
CA ALA A 521 17.75 20.19 8.54
C ALA A 521 16.63 20.64 7.60
N TRP A 522 16.88 20.58 6.29
CA TRP A 522 15.94 21.11 5.31
C TRP A 522 14.61 20.36 5.27
N THR A 523 14.47 19.24 5.99
CA THR A 523 13.16 18.61 6.10
C THR A 523 12.20 19.44 6.93
N THR A 524 12.71 20.35 7.76
CA THR A 524 11.88 21.16 8.62
C THR A 524 12.11 22.65 8.49
N ALA A 525 13.25 23.09 7.94
CA ALA A 525 13.56 24.51 7.87
C ALA A 525 12.55 25.33 7.06
N PRO A 526 12.07 24.90 5.89
CA PRO A 526 11.13 25.75 5.15
C PRO A 526 9.66 25.50 5.50
N VAL A 527 9.37 25.19 6.76
CA VAL A 527 8.04 24.77 7.18
C VAL A 527 7.53 25.71 8.26
N LEU A 528 6.30 26.17 8.10
CA LEU A 528 5.58 26.94 9.12
C LEU A 528 4.52 26.03 9.76
N LEU A 529 4.70 25.72 11.03
CA LEU A 529 3.67 25.01 11.79
C LEU A 529 2.75 26.06 12.40
N HIS A 530 1.57 26.23 11.81
CA HIS A 530 0.63 27.25 12.26
C HIS A 530 -0.06 26.81 13.54
N LYS A 531 -0.43 27.79 14.36
CA LYS A 531 -1.05 27.54 15.65
C LYS A 531 -2.57 27.41 15.58
N GLU A 532 -3.19 27.74 14.44
CA GLU A 532 -4.63 27.63 14.32
C GLU A 532 -5.07 26.16 14.33
N PHE A 533 -6.29 25.93 14.77
CA PHE A 533 -6.84 24.58 14.85
C PHE A 533 -8.33 24.66 15.13
N CYS A 534 -9.00 23.53 14.94
CA CYS A 534 -10.44 23.44 15.19
C CYS A 534 -10.68 23.12 16.66
N ALA A 535 -11.50 23.95 17.33
CA ALA A 535 -11.77 23.76 18.75
C ALA A 535 -12.62 22.51 18.98
N HIS A 536 -13.66 22.31 18.16
CA HIS A 536 -14.50 21.13 18.30
C HIS A 536 -13.70 19.87 17.97
N GLU A 537 -13.73 18.91 18.89
CA GLU A 537 -12.99 17.67 18.69
C GLU A 537 -13.52 16.93 17.46
N PRO A 538 -12.65 16.23 16.74
CA PRO A 538 -13.10 15.51 15.55
C PRO A 538 -13.97 14.31 15.89
N ASP A 539 -15.29 14.45 15.71
CA ASP A 539 -16.25 13.46 16.20
C ASP A 539 -17.30 13.09 15.16
N ASP A 540 -17.00 13.31 13.87
CA ASP A 540 -17.89 12.91 12.78
C ASP A 540 -19.27 13.57 12.92
N SER A 541 -19.28 14.84 13.32
CA SER A 541 -20.50 15.58 13.60
C SER A 541 -20.71 16.70 12.59
N PRO A 542 -21.94 17.19 12.44
CA PRO A 542 -22.14 18.38 11.61
C PRO A 542 -21.45 19.61 12.17
N GLU A 543 -21.45 19.74 13.49
CA GLU A 543 -20.84 20.89 14.15
C GLU A 543 -19.33 20.90 13.94
N TRP A 544 -18.68 19.74 14.10
CA TRP A 544 -17.25 19.65 13.86
C TRP A 544 -16.91 20.03 12.43
N ALA A 545 -17.69 19.53 11.47
CA ALA A 545 -17.47 19.92 10.08
C ALA A 545 -17.62 21.42 9.91
N THR A 546 -18.64 22.02 10.55
CA THR A 546 -18.90 23.44 10.41
C THR A 546 -17.71 24.27 10.89
N GLU A 547 -17.02 23.82 11.93
CA GLU A 547 -15.87 24.58 12.42
C GLU A 547 -14.60 24.29 11.61
N CYS A 548 -14.31 23.01 11.40
CA CYS A 548 -13.11 22.59 10.69
C CYS A 548 -13.08 23.18 9.28
N ALA A 549 -14.25 23.25 8.63
CA ALA A 549 -14.30 23.79 7.28
C ALA A 549 -14.02 25.28 7.26
N GLN A 550 -14.36 26.03 8.32
CA GLN A 550 -13.97 27.43 8.39
C GLN A 550 -12.46 27.57 8.46
N THR A 551 -11.82 26.77 9.32
CA THR A 551 -10.36 26.86 9.39
C THR A 551 -9.72 26.51 8.04
N ILE A 552 -10.23 25.47 7.39
CA ILE A 552 -9.70 25.06 6.08
C ILE A 552 -9.97 26.14 5.03
N GLN A 553 -11.11 26.82 5.16
CA GLN A 553 -11.44 27.92 4.25
C GLN A 553 -10.41 29.04 4.37
N GLY A 554 -10.05 29.41 5.59
CA GLY A 554 -8.98 30.38 5.78
C GLY A 554 -7.68 29.92 5.15
N VAL A 555 -7.34 28.64 5.32
CA VAL A 555 -6.13 28.11 4.70
C VAL A 555 -6.19 28.28 3.18
N ALA A 556 -7.33 27.98 2.57
CA ALA A 556 -7.48 28.20 1.14
C ALA A 556 -7.42 29.68 0.79
N SER A 557 -7.77 30.55 1.74
CA SER A 557 -7.71 31.98 1.49
C SER A 557 -6.27 32.50 1.47
N THR A 558 -5.39 31.93 2.28
CA THR A 558 -4.01 32.40 2.33
C THR A 558 -3.03 31.49 1.56
N ALA A 559 -3.53 30.45 0.90
CA ALA A 559 -2.64 29.52 0.21
C ALA A 559 -1.99 30.17 -1.00
N GLN A 560 -0.72 29.82 -1.24
CA GLN A 560 -0.01 30.26 -2.44
C GLN A 560 -0.22 29.29 -3.60
N GLY A 561 -0.30 27.99 -3.31
CA GLY A 561 -0.55 26.99 -4.32
C GLY A 561 -1.59 25.99 -3.87
N GLY A 562 -1.35 24.70 -4.14
CA GLY A 562 -2.32 23.69 -3.77
C GLY A 562 -2.39 23.48 -2.28
N THR A 563 -3.51 22.89 -1.86
CA THR A 563 -3.75 22.55 -0.46
C THR A 563 -4.27 21.13 -0.40
N LEU A 564 -3.61 20.29 0.39
CA LEU A 564 -4.04 18.91 0.61
C LEU A 564 -4.56 18.81 2.05
N VAL A 565 -5.85 18.57 2.20
CA VAL A 565 -6.48 18.40 3.50
C VAL A 565 -6.68 16.91 3.72
N LEU A 566 -5.87 16.34 4.62
CA LEU A 566 -5.92 14.92 4.89
C LEU A 566 -7.06 14.62 5.86
N CYS A 567 -7.85 13.61 5.53
CA CYS A 567 -8.96 13.14 6.36
C CYS A 567 -8.76 11.67 6.69
N THR A 568 -9.53 11.20 7.67
CA THR A 568 -9.40 9.83 8.16
C THR A 568 -10.57 8.93 7.80
N SER A 569 -11.59 9.46 7.12
CA SER A 569 -12.73 8.63 6.72
C SER A 569 -13.45 9.32 5.58
N TYR A 570 -14.29 8.55 4.89
CA TYR A 570 -15.13 9.12 3.84
C TYR A 570 -16.22 10.02 4.42
N GLN A 571 -16.67 9.71 5.63
CA GLN A 571 -17.70 10.53 6.27
C GLN A 571 -17.18 11.95 6.53
N ASN A 572 -15.97 12.05 7.06
CA ASN A 572 -15.36 13.37 7.26
C ASN A 572 -15.19 14.12 5.95
N THR A 573 -14.75 13.40 4.90
CA THR A 573 -14.60 14.03 3.59
C THR A 573 -15.93 14.58 3.10
N GLU A 574 -17.01 13.81 3.29
CA GLU A 574 -18.32 14.24 2.80
C GLU A 574 -18.83 15.45 3.58
N LEU A 575 -18.66 15.46 4.90
CA LEU A 575 -19.09 16.62 5.68
C LEU A 575 -18.32 17.87 5.29
N LEU A 576 -16.99 17.75 5.22
CA LEU A 576 -16.16 18.89 4.88
C LEU A 576 -16.45 19.39 3.48
N ALA A 577 -16.78 18.48 2.56
CA ALA A 577 -17.21 18.87 1.22
C ALA A 577 -18.55 19.60 1.27
N GLY A 578 -19.45 19.14 2.14
CA GLY A 578 -20.72 19.83 2.29
C GLY A 578 -20.54 21.27 2.71
N ARG A 579 -19.61 21.53 3.62
CA ARG A 579 -19.41 22.92 4.04
C ARG A 579 -18.55 23.72 3.05
N LEU A 580 -17.59 23.09 2.38
CA LEU A 580 -16.65 23.83 1.54
C LEU A 580 -17.08 23.94 0.08
N GLY A 581 -18.17 23.29 -0.32
CA GLY A 581 -18.55 23.22 -1.71
C GLY A 581 -18.86 24.54 -2.38
N ALA A 582 -19.81 25.29 -1.81
CA ALA A 582 -20.28 26.52 -2.46
C ALA A 582 -19.19 27.59 -2.52
N ALA A 583 -18.33 27.66 -1.51
CA ALA A 583 -17.32 28.72 -1.46
C ALA A 583 -16.10 28.38 -2.30
N LEU A 584 -15.61 27.14 -2.22
CA LEU A 584 -14.41 26.73 -2.93
C LEU A 584 -14.78 25.99 -4.21
N GLY A 585 -15.50 26.68 -5.09
CA GLY A 585 -15.97 26.07 -6.32
C GLY A 585 -15.08 26.07 -7.56
N ASP A 586 -14.81 24.87 -8.06
CA ASP A 586 -13.89 24.63 -9.18
C ASP A 586 -12.48 24.64 -8.61
N ARG A 587 -12.37 24.65 -7.27
CA ARG A 587 -11.10 24.52 -6.58
C ARG A 587 -11.14 23.23 -5.77
N LEU A 588 -12.32 22.84 -5.30
CA LEU A 588 -12.44 21.70 -4.41
C LEU A 588 -12.38 20.40 -5.19
N ILE A 589 -11.61 19.44 -4.65
CA ILE A 589 -11.57 18.07 -5.15
C ILE A 589 -11.98 17.17 -4.00
N VAL A 590 -13.02 16.37 -4.21
CA VAL A 590 -13.60 15.53 -3.17
C VAL A 590 -13.23 14.10 -3.48
N GLN A 591 -12.33 13.53 -2.69
CA GLN A 591 -11.96 12.13 -2.87
C GLN A 591 -13.01 11.27 -2.17
N SER A 592 -13.55 10.30 -2.91
CA SER A 592 -14.64 9.47 -2.41
C SER A 592 -14.48 8.06 -2.95
N LYS A 593 -15.44 7.20 -2.60
CA LYS A 593 -15.47 5.85 -3.16
C LYS A 593 -15.64 5.85 -4.67
N THR A 594 -16.03 6.98 -5.25
CA THR A 594 -16.18 7.12 -6.69
C THR A 594 -15.10 7.98 -7.34
N SER A 595 -14.27 8.66 -6.55
CA SER A 595 -13.16 9.46 -7.07
C SER A 595 -11.90 9.02 -6.33
N SER A 596 -11.07 8.23 -6.99
CA SER A 596 -9.94 7.59 -6.35
C SER A 596 -8.86 8.60 -5.99
N ALA A 597 -7.85 8.12 -5.26
CA ALA A 597 -6.73 8.98 -4.89
C ALA A 597 -5.90 9.38 -6.11
N ALA A 598 -5.87 8.55 -7.15
CA ALA A 598 -5.03 8.88 -8.31
C ALA A 598 -5.76 9.80 -9.29
N THR A 599 -7.06 9.64 -9.47
CA THR A 599 -7.80 10.64 -10.24
C THR A 599 -7.75 11.99 -9.55
N CYS A 600 -7.88 11.99 -8.22
CA CYS A 600 -7.71 13.21 -7.45
C CYS A 600 -6.28 13.77 -7.58
N LEU A 601 -5.28 12.89 -7.69
CA LEU A 601 -3.91 13.36 -7.88
C LEU A 601 -3.74 14.03 -9.24
N ALA A 602 -4.23 13.38 -10.29
CA ALA A 602 -4.16 13.97 -11.62
C ALA A 602 -4.91 15.29 -11.67
N GLN A 603 -6.07 15.37 -11.01
CA GLN A 603 -6.81 16.63 -10.98
C GLN A 603 -6.09 17.69 -10.18
N PHE A 604 -5.50 17.32 -9.05
CA PHE A 604 -4.72 18.29 -8.27
C PHE A 604 -3.61 18.89 -9.13
N LYS A 605 -2.86 18.03 -9.82
CA LYS A 605 -1.81 18.50 -10.72
C LYS A 605 -2.38 19.37 -11.83
N ALA A 606 -3.54 19.01 -12.37
CA ALA A 606 -4.10 19.75 -13.50
C ALA A 606 -4.59 21.13 -13.08
N LYS A 607 -5.39 21.20 -12.01
CA LYS A 607 -5.89 22.49 -11.54
C LYS A 607 -4.78 23.37 -11.01
N HIS A 608 -3.68 22.79 -10.50
CA HIS A 608 -2.54 23.62 -10.12
C HIS A 608 -1.82 24.13 -11.37
N LYS A 609 -1.67 23.27 -12.38
CA LYS A 609 -1.04 23.69 -13.63
C LYS A 609 -1.80 24.82 -14.29
N ALA A 610 -3.11 24.90 -14.07
CA ALA A 610 -3.96 25.93 -14.67
C ALA A 610 -3.99 27.23 -13.88
N GLY A 611 -3.21 27.33 -12.81
CA GLY A 611 -3.15 28.55 -12.03
C GLY A 611 -4.13 28.64 -10.89
N ILE A 612 -5.02 27.67 -10.73
CA ILE A 612 -5.93 27.62 -9.59
C ILE A 612 -5.11 27.15 -8.38
N ARG A 613 -5.70 27.26 -7.19
CA ARG A 613 -5.09 26.79 -5.96
C ARG A 613 -5.98 25.67 -5.43
N PRO A 614 -5.90 24.47 -6.02
CA PRO A 614 -6.88 23.42 -5.72
C PRO A 614 -6.77 22.93 -4.29
N VAL A 615 -7.92 22.58 -3.73
CA VAL A 615 -8.03 22.11 -2.36
C VAL A 615 -8.59 20.69 -2.40
N TRP A 616 -7.75 19.73 -2.03
CA TRP A 616 -8.05 18.31 -2.20
C TRP A 616 -8.34 17.70 -0.84
N LEU A 617 -9.61 17.35 -0.59
CA LEU A 617 -9.99 16.61 0.60
C LEU A 617 -9.67 15.15 0.36
N GLY A 618 -8.51 14.69 0.86
CA GLY A 618 -7.99 13.38 0.55
C GLY A 618 -7.90 12.48 1.77
N LEU A 619 -7.68 11.20 1.50
CA LEU A 619 -7.54 10.16 2.52
C LEU A 619 -6.84 8.96 1.90
N GLY A 620 -6.63 7.93 2.72
CA GLY A 620 -5.97 6.71 2.27
C GLY A 620 -4.57 6.93 1.76
N ALA A 621 -4.34 6.61 0.48
CA ALA A 621 -3.02 6.77 -0.12
C ALA A 621 -2.56 8.22 -0.09
N ALA A 622 -3.49 9.18 -0.04
CA ALA A 622 -3.11 10.58 0.10
C ALA A 622 -2.29 10.83 1.37
N TRP A 623 -2.44 9.97 2.38
CA TRP A 623 -1.61 10.08 3.57
C TRP A 623 -0.19 9.60 3.30
N THR A 624 -0.06 8.53 2.51
CA THR A 624 1.20 7.80 2.41
C THR A 624 1.77 7.70 1.00
N GLY A 625 0.93 7.68 -0.03
CA GLY A 625 1.40 7.30 -1.35
C GLY A 625 1.83 8.41 -2.29
N ILE A 626 1.06 9.51 -2.33
CA ILE A 626 1.25 10.50 -3.38
C ILE A 626 2.61 11.19 -3.24
N ASP A 627 3.18 11.55 -4.38
CA ASP A 627 4.42 12.32 -4.47
C ASP A 627 4.06 13.69 -5.04
N LEU A 628 3.87 14.66 -4.16
CA LEU A 628 3.40 15.99 -4.57
C LEU A 628 4.56 16.97 -4.71
N SER A 629 5.43 16.67 -5.67
CA SER A 629 6.51 17.57 -6.08
C SER A 629 6.35 17.89 -7.55
N ASP A 630 6.48 19.17 -7.90
CA ASP A 630 6.20 19.64 -9.25
C ASP A 630 7.25 19.09 -10.22
N HIS A 631 6.84 18.15 -11.07
CA HIS A 631 7.76 17.59 -12.06
C HIS A 631 8.10 18.59 -13.16
N SER A 632 7.34 19.67 -13.29
CA SER A 632 7.68 20.73 -14.23
C SER A 632 8.83 21.61 -13.74
N LEU A 633 9.25 21.44 -12.49
CA LEU A 633 10.35 22.23 -11.92
C LEU A 633 11.39 21.30 -11.30
N PRO A 634 12.03 20.45 -12.11
CA PRO A 634 12.99 19.50 -11.53
C PRO A 634 14.25 20.17 -11.01
N ASP A 635 14.62 21.32 -11.56
CA ASP A 635 15.83 22.02 -11.17
C ASP A 635 15.56 23.31 -10.41
N ASN A 636 14.29 23.68 -10.20
CA ASN A 636 13.92 24.91 -9.51
C ASN A 636 13.00 24.57 -8.34
N PRO A 637 13.53 23.96 -7.27
CA PRO A 637 12.68 23.63 -6.13
C PRO A 637 12.19 24.85 -5.37
N GLU A 638 12.85 26.00 -5.51
CA GLU A 638 12.39 27.23 -4.87
C GLU A 638 11.08 27.72 -5.47
N LEU A 639 10.71 27.23 -6.66
CA LEU A 639 9.45 27.58 -7.29
C LEU A 639 8.39 26.50 -7.13
N ASP A 640 8.71 25.40 -6.47
CA ASP A 640 7.77 24.30 -6.28
C ASP A 640 6.63 24.76 -5.36
N ARG A 641 5.44 24.90 -5.92
CA ARG A 641 4.26 25.29 -5.15
C ARG A 641 3.10 24.34 -5.37
N LEU A 642 3.36 23.13 -5.86
CA LEU A 642 2.29 22.14 -6.05
C LEU A 642 1.52 21.93 -4.76
N LEU A 643 2.23 21.65 -3.68
CA LEU A 643 1.64 21.58 -2.34
C LEU A 643 2.30 22.67 -1.50
N SER A 644 1.54 23.71 -1.17
CA SER A 644 2.05 24.77 -0.31
C SER A 644 1.47 24.75 1.09
N ASP A 645 0.33 24.09 1.30
CA ASP A 645 -0.32 24.04 2.61
C ASP A 645 -0.89 22.66 2.83
N LEU A 646 -0.38 21.95 3.84
CA LEU A 646 -0.89 20.65 4.24
C LEU A 646 -1.70 20.80 5.52
N VAL A 647 -2.88 20.19 5.55
CA VAL A 647 -3.81 20.34 6.66
C VAL A 647 -4.21 18.95 7.13
N ILE A 648 -3.72 18.55 8.30
CA ILE A 648 -4.12 17.29 8.92
C ILE A 648 -5.32 17.58 9.83
N THR A 649 -6.46 16.99 9.50
CA THR A 649 -7.67 17.27 10.26
C THR A 649 -7.69 16.50 11.59
N ARG A 650 -7.34 15.22 11.56
CA ARG A 650 -7.42 14.37 12.73
C ARG A 650 -6.13 13.59 12.90
N ILE A 651 -5.83 13.25 14.15
CA ILE A 651 -4.82 12.23 14.41
C ILE A 651 -5.24 10.93 13.72
N PRO A 652 -4.37 10.29 12.93
CA PRO A 652 -4.74 9.11 12.15
C PRO A 652 -4.88 7.83 12.99
N VAL A 653 -5.62 7.92 14.09
CA VAL A 653 -5.93 6.76 14.91
C VAL A 653 -7.00 5.94 14.19
N GLY A 654 -6.68 4.67 13.94
CA GLY A 654 -7.64 3.78 13.31
C GLY A 654 -7.63 3.76 11.80
N GLN A 655 -6.53 4.15 11.17
CA GLN A 655 -6.42 4.00 9.72
C GLN A 655 -6.09 2.57 9.33
N ASN A 656 -5.45 1.82 10.22
CA ASN A 656 -5.10 0.43 9.97
C ASN A 656 -6.26 -0.47 10.40
N ARG A 657 -6.75 -1.28 9.47
CA ARG A 657 -7.80 -2.25 9.77
C ARG A 657 -7.39 -3.67 9.36
N SER A 658 -6.11 -3.89 9.07
CA SER A 658 -5.65 -5.20 8.63
C SER A 658 -5.68 -6.20 9.78
N LEU A 659 -5.74 -7.48 9.40
CA LEU A 659 -5.80 -8.55 10.40
C LEU A 659 -4.53 -8.59 11.23
N THR A 660 -3.38 -8.32 10.60
CA THR A 660 -2.11 -8.25 11.32
C THR A 660 -2.16 -7.23 12.45
N HIS A 661 -2.63 -6.02 12.13
CA HIS A 661 -2.72 -4.98 13.15
C HIS A 661 -3.76 -5.32 14.23
N GLU A 662 -4.85 -5.98 13.85
CA GLU A 662 -5.85 -6.36 14.84
C GLU A 662 -5.25 -7.33 15.85
N ARG A 663 -4.53 -8.34 15.37
CA ARG A 663 -3.87 -9.26 16.29
C ARG A 663 -2.80 -8.57 17.10
N ARG A 664 -2.03 -7.66 16.48
CA ARG A 664 -1.02 -6.91 17.21
C ARG A 664 -1.63 -6.11 18.34
N THR A 665 -2.81 -5.52 18.11
CA THR A 665 -3.47 -4.80 19.19
C THR A 665 -3.94 -5.78 20.27
N ALA A 666 -4.60 -6.87 19.86
CA ALA A 666 -5.00 -7.89 20.82
C ALA A 666 -3.84 -8.41 21.67
N ILE A 667 -2.61 -8.21 21.23
CA ILE A 667 -1.43 -8.60 22.02
C ILE A 667 -0.86 -7.43 22.82
N GLY A 668 -0.56 -6.31 22.16
CA GLY A 668 0.19 -5.22 22.78
C GLY A 668 -0.64 -4.08 23.33
N GLY A 669 -1.83 -3.84 22.78
CA GLY A 669 -2.75 -2.89 23.34
C GLY A 669 -2.71 -1.48 22.77
N PHE A 670 -3.04 -0.52 23.62
CA PHE A 670 -2.99 0.87 23.22
C PHE A 670 -1.58 1.28 22.81
N ARG A 671 -0.57 0.54 23.24
CA ARG A 671 0.79 0.78 22.72
C ARG A 671 0.81 0.62 21.21
N ILE A 672 0.28 -0.49 20.71
CA ILE A 672 0.28 -0.73 19.26
C ILE A 672 -0.65 0.26 18.58
N ILE A 673 -1.80 0.56 19.20
CA ILE A 673 -2.70 1.55 18.61
C ILE A 673 -1.99 2.90 18.44
N SER A 674 -1.40 3.41 19.53
CA SER A 674 -0.73 4.71 19.50
C SER A 674 0.45 4.71 18.56
N GLN A 675 1.20 3.60 18.50
CA GLN A 675 2.38 3.57 17.63
C GLN A 675 1.98 3.54 16.16
N GLU A 676 0.93 2.77 15.81
CA GLU A 676 0.43 2.82 14.44
C GLU A 676 -0.07 4.22 14.11
N ALA A 677 -0.73 4.89 15.06
CA ALA A 677 -1.19 6.25 14.83
C ALA A 677 -0.01 7.18 14.57
N ALA A 678 1.04 7.09 15.40
CA ALA A 678 2.17 7.99 15.24
C ALA A 678 2.93 7.71 13.95
N TRP A 679 3.00 6.44 13.55
CA TRP A 679 3.66 6.07 12.30
C TRP A 679 2.91 6.63 11.11
N HIS A 680 1.59 6.42 11.07
CA HIS A 680 0.77 7.00 10.02
C HIS A 680 0.85 8.52 10.00
N PHE A 681 0.96 9.13 11.20
CA PHE A 681 1.02 10.58 11.29
C PHE A 681 2.34 11.12 10.74
N ARG A 682 3.45 10.45 11.05
CA ARG A 682 4.73 10.85 10.47
C ARG A 682 4.72 10.66 8.96
N GLN A 683 4.09 9.59 8.48
CA GLN A 683 3.91 9.41 7.05
C GLN A 683 3.15 10.58 6.44
N GLY A 684 2.04 10.96 7.05
CA GLY A 684 1.26 12.09 6.54
C GLY A 684 2.05 13.38 6.53
N LEU A 685 2.87 13.61 7.57
CA LEU A 685 3.74 14.78 7.57
C LEU A 685 4.77 14.70 6.45
N GLY A 686 5.18 13.49 6.08
CA GLY A 686 6.18 13.31 5.04
C GLY A 686 5.75 13.67 3.63
N ARG A 687 4.54 14.20 3.44
CA ARG A 687 4.09 14.62 2.12
C ARG A 687 4.44 16.06 1.79
N LEU A 688 4.93 16.82 2.78
CA LEU A 688 5.12 18.26 2.61
C LEU A 688 6.46 18.57 1.93
N VAL A 689 7.55 18.03 2.47
CA VAL A 689 8.90 18.33 1.98
C VAL A 689 9.46 17.05 1.37
N ARG A 690 9.54 17.01 0.03
CA ARG A 690 10.02 15.84 -0.68
C ARG A 690 11.45 15.99 -1.20
N ARG A 691 12.04 17.18 -1.13
CA ARG A 691 13.38 17.40 -1.64
C ARG A 691 13.93 18.68 -1.01
N PRO A 692 15.24 18.82 -0.91
CA PRO A 692 15.81 20.04 -0.33
C PRO A 692 15.64 21.24 -1.25
N GLY A 693 15.71 22.42 -0.65
CA GLY A 693 15.66 23.66 -1.40
C GLY A 693 14.28 24.20 -1.67
N VAL A 694 13.23 23.60 -1.13
CA VAL A 694 11.88 24.14 -1.31
C VAL A 694 11.67 25.29 -0.34
N THR A 695 10.65 26.11 -0.64
CA THR A 695 10.30 27.24 0.20
C THR A 695 8.79 27.35 0.31
N HIS A 696 8.33 28.06 1.34
CA HIS A 696 6.93 28.40 1.54
C HIS A 696 6.06 27.15 1.64
N LYS A 697 6.35 26.35 2.65
CA LYS A 697 5.55 25.18 3.00
C LYS A 697 4.90 25.43 4.36
N ASN A 698 3.59 25.29 4.42
CA ASN A 698 2.82 25.59 5.62
C ASN A 698 2.14 24.31 6.10
N LEU A 699 2.23 24.06 7.40
CA LEU A 699 1.68 22.86 8.01
C LEU A 699 0.64 23.25 9.05
N TRP A 700 -0.54 22.64 8.97
CA TRP A 700 -1.63 22.89 9.90
C TRP A 700 -2.09 21.56 10.48
N VAL A 701 -2.33 21.56 11.79
CA VAL A 701 -2.84 20.39 12.51
C VAL A 701 -4.06 20.89 13.28
N LEU A 702 -5.26 20.53 12.79
CA LEU A 702 -6.50 21.08 13.31
C LEU A 702 -7.08 20.28 14.47
N ASP A 703 -6.48 19.15 14.83
CA ASP A 703 -7.04 18.28 15.86
C ASP A 703 -6.99 18.99 17.22
N ALA A 704 -8.15 19.11 17.87
CA ALA A 704 -8.22 19.82 19.14
C ALA A 704 -7.42 19.13 20.23
N ARG A 705 -7.30 17.79 20.17
CA ARG A 705 -6.58 17.07 21.20
C ARG A 705 -5.08 17.32 21.16
N ILE A 706 -4.57 17.85 20.05
CA ILE A 706 -3.15 18.15 19.93
C ILE A 706 -2.75 19.21 20.94
N TYR A 707 -3.60 20.21 21.14
CA TYR A 707 -3.30 21.35 21.99
C TYR A 707 -4.11 21.35 23.29
N GLY A 708 -4.80 20.26 23.58
CA GLY A 708 -5.68 20.16 24.73
C GLY A 708 -5.05 19.67 26.01
N GLY A 709 -3.78 19.25 25.98
CA GLY A 709 -3.13 18.82 27.20
C GLY A 709 -3.54 17.44 27.70
N ALA A 710 -4.01 16.58 26.80
CA ALA A 710 -4.21 15.18 27.16
C ALA A 710 -2.91 14.43 26.97
N ALA A 711 -2.67 13.45 27.84
CA ALA A 711 -1.36 12.80 27.88
C ALA A 711 -1.13 11.85 26.72
N TRP A 712 -2.17 11.16 26.24
CA TRP A 712 -1.97 10.16 25.20
C TRP A 712 -1.57 10.77 23.86
N VAL A 713 -1.72 12.09 23.70
CA VAL A 713 -1.34 12.77 22.46
C VAL A 713 0.13 13.19 22.57
N ALA A 714 0.81 12.72 23.61
CA ALA A 714 2.19 13.12 23.83
C ALA A 714 3.13 12.84 22.66
N PRO A 715 3.08 11.67 21.99
CA PRO A 715 4.02 11.45 20.88
C PRO A 715 3.85 12.44 19.73
N PHE A 716 2.62 12.66 19.28
CA PHE A 716 2.38 13.49 18.10
C PHE A 716 2.89 14.91 18.29
N ARG A 717 2.93 15.40 19.53
CA ARG A 717 3.51 16.72 19.78
C ARG A 717 5.02 16.69 19.59
N GLN A 718 5.69 15.65 20.09
CA GLN A 718 7.13 15.52 19.94
C GLN A 718 7.54 15.69 18.48
N ILE A 719 6.92 14.91 17.58
CA ILE A 719 7.17 15.09 16.15
C ILE A 719 6.96 16.54 15.76
N LEU A 720 5.80 17.11 16.11
CA LEU A 720 5.51 18.50 15.79
C LEU A 720 6.49 19.47 16.44
N ASP A 721 7.15 19.08 17.52
CA ASP A 721 8.12 19.97 18.12
C ASP A 721 9.40 20.07 17.31
N ARG A 722 9.51 19.36 16.19
CA ARG A 722 10.65 19.50 15.28
C ARG A 722 10.50 20.70 14.34
N TYR A 723 9.52 21.57 14.59
CA TYR A 723 9.25 22.71 13.73
C TYR A 723 9.36 24.01 14.52
N LYS A 724 9.29 25.13 13.80
CA LYS A 724 9.31 26.47 14.38
C LYS A 724 7.90 27.05 14.25
N LYS A 725 7.15 27.04 15.35
CA LYS A 725 5.78 27.53 15.36
C LYS A 725 5.75 29.05 15.56
#